data_4CTC
#
_entry.id   4CTC
#
_cell.length_a   51.810
_cell.length_b   57.100
_cell.length_c   104.710
_cell.angle_alpha   90.00
_cell.angle_beta   90.00
_cell.angle_gamma   90.00
#
_symmetry.space_group_name_H-M   'P 21 21 21'
#
loop_
_entity.id
_entity.type
_entity.pdbx_description
1 polymer 'ALK TYROSINE KINASE RECEPTOR'
2 non-polymer (10R)-7-amino-3-cyclopropyl-12-fluoro-1,10,16-trimethyl-16,17-dihydro-1H-8,4-(metheno)pyrazolo[4,3-h][2,5,11]benzoxadiazacyclotetradecin-15(10H)-one
3 water water
#
_entity_poly.entity_id   1
_entity_poly.type   'polypeptide(L)'
_entity_poly.pdbx_seq_one_letter_code
;MAHHHHHHNPNYCFAGKTSSISDLKEVPRKNITLIRGLGHGAFGEVYEGQVSGMPNDPSPLQVAVKTLPEVCSEQDELDF
LMEALIISKFNHQNIVRCIGVSLQSLPRFILLELMAGGDLKSFLRETRPRPSQPSSLAMLDLLHVARDIACGCQYLEENH
FIHRDIAARNCLLTCPGPGRVAKIGDFGMARDIYRASYYRKGGCAMLPVKWMPPEAFMEGIFTSKTDTWSFGVLLWEIFS
LGYMPYPSKSNQEVLEFVTSGGRMDPPKNCPGPVYRIMTQCWQHQPEDRPNFAIILERIEYCTQDPDVINTALPIEYGPL
VEEEEKV
;
_entity_poly.pdbx_strand_id   A
#
loop_
_chem_comp.id
_chem_comp.type
_chem_comp.name
_chem_comp.formula
J99 non-polymer (10R)-7-amino-3-cyclopropyl-12-fluoro-1,10,16-trimethyl-16,17-dihydro-1H-8,4-(metheno)pyrazolo[4,3-h][2,5,11]benzoxadiazacyclotetradecin-15(10H)-one 'C23 H24 F N5 O2'
#
# COMPACT_ATOMS: atom_id res chain seq x y z
N PRO A 10 -7.82 20.76 -13.41
CA PRO A 10 -8.42 20.33 -12.15
C PRO A 10 -7.60 20.71 -10.92
N ASN A 11 -8.30 21.01 -9.81
CA ASN A 11 -7.71 21.41 -8.54
C ASN A 11 -7.66 20.26 -7.53
N TYR A 12 -6.86 20.43 -6.48
CA TYR A 12 -6.72 19.43 -5.43
C TYR A 12 -6.47 20.08 -4.10
N CYS A 13 -7.20 19.65 -3.03
CA CYS A 13 -7.06 20.23 -1.68
C CYS A 13 -6.49 19.20 -0.69
N PHE A 14 -5.42 19.58 0.03
CA PHE A 14 -4.79 18.73 1.04
C PHE A 14 -4.12 19.61 2.07
N ALA A 15 -4.24 19.21 3.36
CA ALA A 15 -3.68 19.88 4.53
C ALA A 15 -4.06 21.36 4.56
N GLY A 16 -5.29 21.65 4.13
CA GLY A 16 -5.83 23.01 4.07
C GLY A 16 -5.28 23.87 2.95
N LYS A 17 -4.62 23.25 1.94
CA LYS A 17 -4.06 24.00 0.83
C LYS A 17 -4.47 23.43 -0.54
N THR A 18 -4.91 24.33 -1.43
CA THR A 18 -5.35 24.00 -2.78
C THR A 18 -4.17 24.12 -3.75
N SER A 19 -4.02 23.12 -4.62
CA SER A 19 -2.98 23.11 -5.64
C SER A 19 -3.54 22.70 -7.02
N SER A 20 -2.78 23.03 -8.06
CA SER A 20 -3.11 22.80 -9.44
C SER A 20 -1.89 22.22 -10.16
N ILE A 21 -2.04 21.82 -11.44
CA ILE A 21 -0.98 21.26 -12.30
C ILE A 21 0.23 22.22 -12.40
N SER A 22 0.00 23.54 -12.20
CA SER A 22 1.07 24.56 -12.18
C SER A 22 2.01 24.40 -11.00
N ASP A 23 1.56 23.73 -9.93
CA ASP A 23 2.37 23.48 -8.73
C ASP A 23 3.27 22.26 -8.87
N LEU A 24 3.00 21.40 -9.87
CA LEU A 24 3.83 20.23 -10.10
C LEU A 24 5.19 20.64 -10.62
N LYS A 25 6.24 19.94 -10.18
CA LYS A 25 7.61 20.24 -10.61
C LYS A 25 7.88 19.62 -11.99
N GLU A 26 7.82 20.45 -13.03
CA GLU A 26 8.07 19.99 -14.39
C GLU A 26 9.57 19.79 -14.59
N VAL A 27 9.96 18.56 -14.89
CA VAL A 27 11.36 18.20 -15.14
C VAL A 27 11.56 18.18 -16.66
N PRO A 28 12.52 18.94 -17.22
CA PRO A 28 12.71 18.94 -18.69
C PRO A 28 12.94 17.54 -19.25
N ARG A 29 12.21 17.20 -20.32
CA ARG A 29 12.23 15.86 -20.93
C ARG A 29 13.65 15.38 -21.27
N LYS A 30 14.52 16.29 -21.78
CA LYS A 30 15.92 16.04 -22.13
C LYS A 30 16.76 15.51 -20.96
N ASN A 31 16.34 15.82 -19.72
CA ASN A 31 17.05 15.39 -18.51
C ASN A 31 16.66 13.98 -18.09
N ILE A 32 15.62 13.41 -18.70
CA ILE A 32 15.10 12.09 -18.35
C ILE A 32 15.52 11.01 -19.32
N THR A 33 16.08 9.92 -18.79
CA THR A 33 16.52 8.77 -19.59
C THR A 33 15.92 7.48 -18.99
N LEU A 34 15.23 6.70 -19.82
CA LEU A 34 14.63 5.40 -19.46
C LEU A 34 15.73 4.34 -19.53
N ILE A 35 15.78 3.45 -18.54
CA ILE A 35 16.79 2.39 -18.44
C ILE A 35 16.19 1.03 -18.82
N ARG A 36 15.13 0.60 -18.12
CA ARG A 36 14.45 -0.68 -18.33
C ARG A 36 13.00 -0.60 -17.96
N GLY A 37 12.21 -1.53 -18.46
CA GLY A 37 10.81 -1.68 -18.08
C GLY A 37 10.78 -2.40 -16.75
N LEU A 38 9.91 -2.00 -15.83
CA LEU A 38 9.82 -2.62 -14.51
C LEU A 38 8.54 -3.43 -14.37
N GLY A 39 7.60 -3.15 -15.26
CA GLY A 39 6.29 -3.79 -15.33
C GLY A 39 5.27 -2.85 -15.93
N GLY A 44 -0.63 1.58 -18.57
CA GLY A 44 0.65 2.20 -18.84
C GLY A 44 1.83 1.45 -18.25
N GLU A 45 3.02 1.63 -18.84
CA GLU A 45 4.24 0.97 -18.36
C GLU A 45 4.90 1.79 -17.26
N VAL A 46 5.70 1.11 -16.45
CA VAL A 46 6.51 1.70 -15.40
C VAL A 46 7.96 1.37 -15.78
N TYR A 47 8.81 2.39 -15.87
CA TYR A 47 10.19 2.18 -16.24
C TYR A 47 11.09 2.60 -15.12
N GLU A 48 12.33 2.12 -15.11
CA GLU A 48 13.35 2.63 -14.22
C GLU A 48 14.01 3.71 -15.08
N GLY A 49 14.23 4.87 -14.50
CA GLY A 49 14.83 6.00 -15.20
C GLY A 49 15.84 6.76 -14.39
N GLN A 50 16.48 7.75 -15.04
CA GLN A 50 17.47 8.64 -14.46
C GLN A 50 17.14 10.07 -14.84
N VAL A 51 17.31 11.01 -13.89
CA VAL A 51 17.13 12.44 -14.18
C VAL A 51 18.45 13.17 -14.00
N PRO A 60 23.42 12.13 -10.67
CA PRO A 60 22.22 11.56 -11.31
C PRO A 60 21.23 10.97 -10.29
N LEU A 61 19.94 11.29 -10.47
CA LEU A 61 18.85 10.82 -9.61
C LEU A 61 18.14 9.61 -10.25
N GLN A 62 18.07 8.47 -9.52
CA GLN A 62 17.39 7.24 -9.97
C GLN A 62 15.91 7.37 -9.69
N VAL A 63 15.07 7.04 -10.68
CA VAL A 63 13.63 7.24 -10.59
C VAL A 63 12.84 6.04 -11.14
N ALA A 64 11.57 5.91 -10.73
CA ALA A 64 10.59 4.99 -11.29
C ALA A 64 9.68 5.92 -12.09
N VAL A 65 9.50 5.61 -13.38
CA VAL A 65 8.77 6.43 -14.34
C VAL A 65 7.40 5.84 -14.63
N LYS A 66 6.36 6.47 -14.06
CA LYS A 66 4.97 6.08 -14.31
C LYS A 66 4.57 6.83 -15.58
N THR A 67 4.16 6.09 -16.62
CA THR A 67 3.81 6.67 -17.92
C THR A 67 2.32 6.67 -18.18
N LEU A 68 1.86 7.66 -18.94
CA LEU A 68 0.48 7.76 -19.36
C LEU A 68 0.44 7.32 -20.83
N PRO A 69 -0.28 6.23 -21.18
CA PRO A 69 -0.35 5.82 -22.60
C PRO A 69 -0.80 6.96 -23.49
N GLU A 70 -0.11 7.16 -24.62
CA GLU A 70 -0.43 8.22 -25.58
C GLU A 70 -1.84 8.06 -26.16
N VAL A 71 -2.31 6.80 -26.26
CA VAL A 71 -3.67 6.45 -26.69
C VAL A 71 -4.49 6.21 -25.42
N CYS A 72 -5.20 7.25 -24.95
CA CYS A 72 -5.99 7.17 -23.71
C CYS A 72 -7.20 8.09 -23.76
N SER A 73 -8.17 7.84 -22.88
CA SER A 73 -9.38 8.65 -22.76
C SER A 73 -9.07 9.91 -21.95
N GLU A 74 -9.98 10.92 -21.99
CA GLU A 74 -9.81 12.17 -21.24
C GLU A 74 -9.84 11.91 -19.74
N GLN A 75 -10.65 10.91 -19.31
CA GLN A 75 -10.76 10.51 -17.91
C GLN A 75 -9.45 9.91 -17.40
N ASP A 76 -8.73 9.14 -18.26
CA ASP A 76 -7.45 8.53 -17.93
C ASP A 76 -6.41 9.63 -17.66
N GLU A 77 -6.43 10.71 -18.47
CA GLU A 77 -5.55 11.88 -18.34
C GLU A 77 -5.76 12.61 -17.02
N LEU A 78 -7.03 12.91 -16.67
CA LEU A 78 -7.41 13.60 -15.43
C LEU A 78 -7.03 12.73 -14.23
N ASP A 79 -7.22 11.40 -14.36
CA ASP A 79 -6.84 10.43 -13.34
C ASP A 79 -5.34 10.49 -13.07
N PHE A 80 -4.54 10.54 -14.15
CA PHE A 80 -3.08 10.60 -14.12
C PHE A 80 -2.62 11.92 -13.49
N LEU A 81 -3.23 13.04 -13.90
CA LEU A 81 -2.94 14.38 -13.38
C LEU A 81 -3.28 14.45 -11.88
N MET A 82 -4.43 13.87 -11.48
CA MET A 82 -4.88 13.82 -10.08
C MET A 82 -3.89 13.05 -9.20
N GLU A 83 -3.40 11.92 -9.70
CA GLU A 83 -2.43 11.07 -9.02
C GLU A 83 -1.12 11.84 -8.78
N ALA A 84 -0.66 12.65 -9.78
CA ALA A 84 0.54 13.47 -9.67
C ALA A 84 0.38 14.50 -8.54
N LEU A 85 -0.80 15.17 -8.47
CA LEU A 85 -1.18 16.18 -7.46
C LEU A 85 -1.21 15.53 -6.07
N ILE A 86 -1.89 14.37 -5.96
CA ILE A 86 -1.98 13.62 -4.72
C ILE A 86 -0.60 13.30 -4.14
N ILE A 87 0.24 12.58 -4.89
CA ILE A 87 1.57 12.16 -4.41
C ILE A 87 2.49 13.36 -4.12
N SER A 88 2.50 14.38 -4.98
CA SER A 88 3.37 15.55 -4.77
C SER A 88 3.06 16.34 -3.50
N LYS A 89 1.80 16.32 -3.03
CA LYS A 89 1.41 17.10 -1.85
C LYS A 89 1.65 16.39 -0.50
N PHE A 90 1.95 15.08 -0.53
CA PHE A 90 2.28 14.37 0.71
C PHE A 90 3.71 14.66 1.08
N ASN A 91 4.00 14.66 2.40
CA ASN A 91 5.32 14.84 2.97
C ASN A 91 5.45 13.93 4.20
N HIS A 92 5.88 12.68 3.97
CA HIS A 92 6.02 11.69 5.05
C HIS A 92 7.05 10.62 4.66
N GLN A 93 7.78 10.11 5.64
CA GLN A 93 8.81 9.08 5.46
C GLN A 93 8.26 7.74 4.93
N ASN A 94 6.96 7.45 5.13
CA ASN A 94 6.36 6.19 4.67
C ASN A 94 5.34 6.36 3.53
N ILE A 95 5.56 7.39 2.71
CA ILE A 95 4.81 7.65 1.49
C ILE A 95 5.86 7.95 0.41
N VAL A 96 5.82 7.21 -0.71
CA VAL A 96 6.75 7.37 -1.82
C VAL A 96 6.90 8.86 -2.25
N ARG A 97 8.15 9.30 -2.47
CA ARG A 97 8.41 10.66 -2.90
C ARG A 97 8.20 10.78 -4.39
N CYS A 98 7.78 11.98 -4.82
CA CYS A 98 7.62 12.34 -6.22
C CYS A 98 8.72 13.38 -6.52
N ILE A 99 9.63 13.03 -7.44
CA ILE A 99 10.76 13.89 -7.87
C ILE A 99 10.22 15.04 -8.73
N GLY A 100 9.19 14.74 -9.50
CA GLY A 100 8.54 15.70 -10.37
C GLY A 100 7.69 14.99 -11.41
N VAL A 101 7.40 15.71 -12.49
CA VAL A 101 6.58 15.19 -13.59
C VAL A 101 7.18 15.66 -14.90
N SER A 102 6.71 15.09 -16.01
CA SER A 102 7.06 15.50 -17.36
C SER A 102 5.75 15.41 -18.13
N LEU A 103 4.96 16.48 -18.06
CA LEU A 103 3.64 16.53 -18.69
C LEU A 103 3.64 17.29 -20.02
N GLN A 104 4.70 18.08 -20.30
CA GLN A 104 4.82 18.90 -21.50
C GLN A 104 5.40 18.17 -22.72
N SER A 105 5.54 16.84 -22.61
CA SER A 105 6.01 15.96 -23.67
C SER A 105 5.21 14.65 -23.60
N LEU A 106 5.06 13.96 -24.75
CA LEU A 106 4.30 12.71 -24.83
C LEU A 106 5.20 11.50 -25.03
N PRO A 107 5.00 10.37 -24.31
CA PRO A 107 3.97 10.12 -23.28
C PRO A 107 4.27 10.89 -21.99
N ARG A 108 3.22 11.27 -21.25
CA ARG A 108 3.36 12.00 -19.99
C ARG A 108 3.97 11.11 -18.91
N PHE A 109 4.80 11.69 -18.03
CA PHE A 109 5.49 10.96 -16.98
C PHE A 109 5.20 11.52 -15.60
N ILE A 110 5.18 10.61 -14.62
CA ILE A 110 5.17 10.92 -13.20
C ILE A 110 6.46 10.28 -12.71
N LEU A 111 7.32 11.09 -12.08
CA LEU A 111 8.62 10.64 -11.58
C LEU A 111 8.60 10.36 -10.09
N LEU A 112 8.80 9.10 -9.73
CA LEU A 112 8.81 8.70 -8.33
C LEU A 112 10.16 8.22 -7.90
N GLU A 113 10.39 8.26 -6.60
CA GLU A 113 11.53 7.72 -5.87
C GLU A 113 11.65 6.22 -6.28
N LEU A 114 12.84 5.79 -6.76
CA LEU A 114 13.03 4.38 -7.15
C LEU A 114 13.21 3.55 -5.88
N MET A 115 12.26 2.64 -5.64
CA MET A 115 12.27 1.81 -4.44
C MET A 115 12.87 0.47 -4.84
N ALA A 116 14.19 0.30 -4.59
CA ALA A 116 15.00 -0.87 -4.96
C ALA A 116 14.45 -2.21 -4.49
N GLY A 117 13.66 -2.21 -3.42
CA GLY A 117 13.05 -3.43 -2.91
C GLY A 117 11.81 -3.84 -3.69
N GLY A 118 11.33 -2.94 -4.55
CA GLY A 118 10.13 -3.19 -5.35
C GLY A 118 8.86 -3.21 -4.51
N ASP A 119 7.78 -3.77 -5.06
CA ASP A 119 6.51 -3.85 -4.34
C ASP A 119 6.56 -4.91 -3.21
N LEU A 120 5.78 -4.68 -2.16
CA LEU A 120 5.72 -5.51 -0.96
C LEU A 120 5.20 -6.92 -1.25
N LYS A 121 4.17 -7.05 -2.11
CA LYS A 121 3.61 -8.36 -2.48
C LYS A 121 4.66 -9.27 -3.13
N SER A 122 5.34 -8.79 -4.22
CA SER A 122 6.41 -9.53 -4.91
C SER A 122 7.55 -9.82 -3.95
N PHE A 123 7.92 -8.85 -3.09
CA PHE A 123 9.00 -9.02 -2.13
C PHE A 123 8.73 -10.19 -1.20
N LEU A 124 7.54 -10.23 -0.55
CA LEU A 124 7.18 -11.29 0.41
C LEU A 124 7.19 -12.66 -0.24
N ARG A 125 6.67 -12.75 -1.48
CA ARG A 125 6.61 -14.00 -2.24
C ARG A 125 8.00 -14.53 -2.63
N GLU A 126 8.88 -13.63 -3.09
CA GLU A 126 10.23 -13.97 -3.52
C GLU A 126 11.25 -14.12 -2.40
N THR A 127 10.97 -13.53 -1.21
CA THR A 127 11.90 -13.56 -0.08
C THR A 127 11.43 -14.51 1.05
N ARG A 128 10.46 -15.37 0.75
CA ARG A 128 9.94 -16.36 1.69
C ARG A 128 11.08 -17.27 2.21
N PRO A 129 11.20 -17.49 3.55
CA PRO A 129 12.23 -18.44 4.05
C PRO A 129 12.06 -19.78 3.34
N ARG A 130 13.18 -20.28 2.81
CA ARG A 130 13.30 -21.46 1.93
C ARG A 130 14.45 -22.34 2.46
N PRO A 131 14.54 -23.68 2.22
CA PRO A 131 15.68 -24.45 2.77
C PRO A 131 17.07 -23.84 2.47
N SER A 132 17.23 -23.19 1.29
CA SER A 132 18.44 -22.48 0.87
C SER A 132 18.66 -21.19 1.68
N GLN A 133 17.57 -20.44 1.95
CA GLN A 133 17.58 -19.19 2.72
C GLN A 133 16.68 -19.42 3.97
N PRO A 134 17.14 -20.19 4.99
CA PRO A 134 16.25 -20.52 6.13
C PRO A 134 15.83 -19.34 7.01
N SER A 135 16.66 -18.29 7.07
CA SER A 135 16.43 -17.11 7.89
C SER A 135 16.37 -15.80 7.06
N SER A 136 15.83 -15.87 5.81
CA SER A 136 15.72 -14.70 4.91
C SER A 136 14.84 -13.57 5.50
N LEU A 137 13.83 -13.96 6.27
CA LEU A 137 12.88 -13.08 6.93
C LEU A 137 12.56 -13.64 8.32
N ALA A 138 12.34 -12.75 9.27
CA ALA A 138 11.95 -13.09 10.62
C ALA A 138 10.72 -12.27 10.95
N MET A 139 10.06 -12.57 12.07
CA MET A 139 8.89 -11.86 12.59
C MET A 139 9.17 -10.33 12.72
N LEU A 140 10.40 -9.95 13.14
CA LEU A 140 10.78 -8.54 13.31
C LEU A 140 10.78 -7.77 11.98
N ASP A 141 11.23 -8.40 10.88
CA ASP A 141 11.18 -7.80 9.54
C ASP A 141 9.73 -7.47 9.15
N LEU A 142 8.81 -8.39 9.46
CA LEU A 142 7.38 -8.26 9.15
C LEU A 142 6.74 -7.16 9.98
N LEU A 143 7.08 -7.10 11.27
CA LEU A 143 6.59 -6.08 12.19
C LEU A 143 7.08 -4.69 11.81
N HIS A 144 8.33 -4.60 11.30
CA HIS A 144 8.89 -3.33 10.85
C HIS A 144 8.16 -2.83 9.60
N VAL A 145 7.84 -3.73 8.65
CA VAL A 145 7.07 -3.36 7.47
C VAL A 145 5.67 -2.85 7.95
N ALA A 146 4.98 -3.65 8.82
CA ALA A 146 3.64 -3.30 9.34
C ALA A 146 3.63 -1.92 10.02
N ARG A 147 4.63 -1.64 10.89
CA ARG A 147 4.80 -0.35 11.58
C ARG A 147 4.96 0.78 10.57
N ASP A 148 5.85 0.60 9.58
CA ASP A 148 6.13 1.58 8.51
C ASP A 148 4.84 1.95 7.78
N ILE A 149 4.04 0.96 7.34
CA ILE A 149 2.78 1.27 6.65
C ILE A 149 1.74 1.90 7.62
N ALA A 150 1.64 1.40 8.87
CA ALA A 150 0.70 1.96 9.87
C ALA A 150 1.07 3.44 10.16
N CYS A 151 2.39 3.78 10.09
CA CYS A 151 2.89 5.14 10.29
C CYS A 151 2.46 6.05 9.12
N GLY A 152 2.51 5.50 7.90
CA GLY A 152 2.03 6.18 6.70
C GLY A 152 0.52 6.38 6.75
N CYS A 153 -0.20 5.35 7.21
CA CYS A 153 -1.66 5.38 7.36
C CYS A 153 -2.10 6.39 8.41
N GLN A 154 -1.33 6.52 9.51
CA GLN A 154 -1.60 7.47 10.59
C GLN A 154 -1.47 8.90 10.06
N TYR A 155 -0.45 9.18 9.23
CA TYR A 155 -0.25 10.50 8.60
C TYR A 155 -1.44 10.83 7.69
N LEU A 156 -1.94 9.84 6.92
CA LEU A 156 -3.10 10.02 6.04
C LEU A 156 -4.35 10.32 6.86
N GLU A 157 -4.54 9.55 7.96
CA GLU A 157 -5.68 9.68 8.87
C GLU A 157 -5.68 11.08 9.54
N GLU A 158 -4.54 11.54 10.08
CA GLU A 158 -4.54 12.85 10.72
C GLU A 158 -4.68 14.00 9.71
N ASN A 159 -4.47 13.71 8.41
CA ASN A 159 -4.65 14.69 7.34
C ASN A 159 -5.95 14.46 6.58
N HIS A 160 -6.85 13.64 7.17
CA HIS A 160 -8.19 13.33 6.67
C HIS A 160 -8.21 12.84 5.21
N PHE A 161 -7.21 12.01 4.86
CA PHE A 161 -7.09 11.40 3.54
C PHE A 161 -7.46 9.93 3.68
N ILE A 162 -8.43 9.45 2.87
CA ILE A 162 -8.84 8.05 2.92
C ILE A 162 -8.22 7.38 1.72
N HIS A 163 -7.35 6.40 1.96
CA HIS A 163 -6.65 5.69 0.88
C HIS A 163 -7.56 4.81 0.02
N ARG A 164 -8.42 3.98 0.63
CA ARG A 164 -9.39 3.07 -0.04
C ARG A 164 -8.81 1.76 -0.60
N ASP A 165 -7.48 1.63 -0.71
CA ASP A 165 -6.89 0.37 -1.16
C ASP A 165 -5.56 0.06 -0.49
N ILE A 166 -5.55 0.02 0.86
CA ILE A 166 -4.34 -0.34 1.61
C ILE A 166 -4.14 -1.86 1.40
N ALA A 167 -3.14 -2.21 0.58
CA ALA A 167 -2.84 -3.58 0.18
C ALA A 167 -1.36 -3.72 -0.15
N ALA A 168 -0.81 -4.95 0.02
CA ALA A 168 0.62 -5.23 -0.25
C ALA A 168 1.05 -4.80 -1.63
N ARG A 169 0.21 -5.01 -2.66
CA ARG A 169 0.48 -4.62 -4.06
C ARG A 169 0.70 -3.09 -4.23
N ASN A 170 0.22 -2.28 -3.27
CA ASN A 170 0.29 -0.82 -3.29
C ASN A 170 1.39 -0.24 -2.40
N CYS A 171 2.20 -1.12 -1.78
CA CYS A 171 3.31 -0.71 -0.94
C CYS A 171 4.63 -1.03 -1.61
N LEU A 172 5.67 -0.24 -1.31
CA LEU A 172 7.01 -0.40 -1.88
C LEU A 172 8.07 -0.46 -0.78
N LEU A 173 9.26 -1.00 -1.09
CA LEU A 173 10.36 -1.09 -0.13
C LEU A 173 11.61 -0.44 -0.69
N THR A 174 12.36 0.29 0.17
CA THR A 174 13.58 1.01 -0.22
C THR A 174 14.66 0.07 -0.72
N CYS A 175 14.80 -1.11 -0.11
CA CYS A 175 15.82 -2.10 -0.48
C CYS A 175 15.40 -3.52 -0.08
N PRO A 176 16.01 -4.60 -0.64
CA PRO A 176 15.63 -5.95 -0.22
C PRO A 176 16.19 -6.34 1.17
N GLY A 177 17.24 -5.64 1.63
CA GLY A 177 17.96 -5.91 2.89
C GLY A 177 17.31 -5.52 4.21
N PRO A 178 17.99 -5.82 5.36
CA PRO A 178 17.40 -5.59 6.70
C PRO A 178 16.96 -4.18 7.09
N GLY A 179 17.62 -3.16 6.55
CA GLY A 179 17.30 -1.76 6.80
C GLY A 179 16.22 -1.21 5.91
N ARG A 180 15.45 -2.09 5.24
CA ARG A 180 14.36 -1.71 4.34
C ARG A 180 13.33 -0.84 5.02
N VAL A 181 12.77 0.11 4.28
CA VAL A 181 11.72 0.99 4.76
C VAL A 181 10.51 0.78 3.83
N ALA A 182 9.35 0.43 4.40
CA ALA A 182 8.12 0.24 3.64
C ALA A 182 7.41 1.58 3.48
N LYS A 183 6.82 1.82 2.30
CA LYS A 183 6.08 3.05 2.02
C LYS A 183 4.85 2.76 1.20
N ILE A 184 3.81 3.60 1.30
CA ILE A 184 2.61 3.48 0.46
C ILE A 184 3.05 4.10 -0.87
N GLY A 185 2.92 3.36 -1.96
CA GLY A 185 3.41 3.80 -3.25
C GLY A 185 2.41 4.09 -4.33
N ASP A 186 1.17 3.66 -4.14
CA ASP A 186 0.13 3.82 -5.16
C ASP A 186 -1.10 4.47 -4.56
N PHE A 187 -1.67 5.47 -5.27
CA PHE A 187 -2.87 6.19 -4.86
C PHE A 187 -3.92 6.28 -5.97
N GLY A 188 -4.01 5.21 -6.78
CA GLY A 188 -4.95 5.12 -7.89
C GLY A 188 -6.41 4.98 -7.50
N MET A 189 -6.69 4.31 -6.37
CA MET A 189 -8.06 4.08 -5.86
C MET A 189 -8.69 5.36 -5.30
N ALA A 190 -7.97 6.09 -4.42
CA ALA A 190 -8.40 7.35 -3.82
C ALA A 190 -8.61 8.42 -4.92
N ARG A 191 -7.82 8.29 -5.99
CA ARG A 191 -7.80 9.12 -7.17
C ARG A 191 -9.08 8.90 -8.01
N ASP A 192 -9.45 7.60 -8.25
CA ASP A 192 -10.66 7.21 -9.02
C ASP A 192 -11.91 7.87 -8.46
N ILE A 193 -12.06 7.88 -7.13
CA ILE A 193 -13.18 8.49 -6.41
C ILE A 193 -13.11 10.02 -6.52
N GLY A 202 -13.86 1.51 -13.93
CA GLY A 202 -13.95 0.44 -12.95
C GLY A 202 -15.38 -0.01 -12.68
N GLY A 203 -15.54 -1.30 -12.38
CA GLY A 203 -16.83 -1.91 -12.06
C GLY A 203 -16.85 -2.63 -10.73
N CYS A 204 -17.74 -3.64 -10.59
CA CYS A 204 -17.90 -4.43 -9.37
C CYS A 204 -16.70 -5.38 -9.17
N ALA A 205 -16.39 -6.22 -10.19
CA ALA A 205 -15.28 -7.17 -10.18
C ALA A 205 -13.88 -6.51 -10.15
N MET A 206 -13.87 -5.17 -10.09
CA MET A 206 -12.67 -4.33 -10.05
C MET A 206 -12.44 -3.68 -8.69
N LEU A 207 -13.52 -3.56 -7.87
CA LEU A 207 -13.45 -3.05 -6.51
C LEU A 207 -12.59 -4.04 -5.71
N PRO A 208 -11.66 -3.57 -4.85
CA PRO A 208 -10.84 -4.53 -4.08
C PRO A 208 -11.65 -4.98 -2.86
N VAL A 209 -12.72 -5.75 -3.09
CA VAL A 209 -13.68 -6.19 -2.07
C VAL A 209 -13.03 -6.99 -0.94
N LYS A 210 -11.91 -7.70 -1.23
CA LYS A 210 -11.18 -8.49 -0.23
C LYS A 210 -10.45 -7.62 0.81
N TRP A 211 -10.28 -6.34 0.51
CA TRP A 211 -9.64 -5.36 1.41
C TRP A 211 -10.68 -4.37 1.97
N MET A 212 -11.97 -4.55 1.64
CA MET A 212 -13.01 -3.61 2.02
C MET A 212 -13.91 -4.02 3.21
N PRO A 213 -14.18 -3.08 4.15
CA PRO A 213 -15.11 -3.38 5.26
C PRO A 213 -16.57 -3.45 4.76
N PRO A 214 -17.51 -4.07 5.51
CA PRO A 214 -18.91 -4.15 5.04
C PRO A 214 -19.58 -2.84 4.64
N GLU A 215 -19.42 -1.73 5.41
CA GLU A 215 -20.08 -0.46 5.05
C GLU A 215 -19.51 0.15 3.73
N ALA A 216 -18.28 -0.21 3.33
CA ALA A 216 -17.68 0.28 2.09
C ALA A 216 -18.25 -0.45 0.89
N PHE A 217 -18.32 -1.80 0.92
CA PHE A 217 -18.84 -2.52 -0.26
C PHE A 217 -20.38 -2.58 -0.30
N MET A 218 -21.06 -2.39 0.83
CA MET A 218 -22.54 -2.41 0.86
C MET A 218 -23.17 -1.05 0.67
N GLU A 219 -22.60 -0.02 1.33
CA GLU A 219 -23.16 1.33 1.32
C GLU A 219 -22.33 2.35 0.57
N GLY A 220 -21.10 2.00 0.23
CA GLY A 220 -20.18 2.92 -0.43
C GLY A 220 -19.73 4.02 0.53
N ILE A 221 -19.75 3.71 1.84
CA ILE A 221 -19.36 4.64 2.90
C ILE A 221 -17.88 4.46 3.17
N PHE A 222 -17.13 5.56 3.10
CA PHE A 222 -15.69 5.57 3.34
C PHE A 222 -15.37 6.60 4.41
N THR A 223 -14.63 6.18 5.45
CA THR A 223 -14.18 7.04 6.55
C THR A 223 -12.74 6.67 6.87
N SER A 224 -12.16 7.24 7.95
CA SER A 224 -10.81 6.85 8.41
C SER A 224 -10.79 5.37 8.83
N LYS A 225 -11.97 4.83 9.21
CA LYS A 225 -12.12 3.44 9.66
C LYS A 225 -12.17 2.44 8.50
N THR A 226 -12.18 2.94 7.25
CA THR A 226 -12.11 2.10 6.05
C THR A 226 -10.67 1.57 5.98
N ASP A 227 -9.70 2.48 6.13
CA ASP A 227 -8.27 2.15 6.05
C ASP A 227 -7.84 1.21 7.18
N THR A 228 -8.49 1.32 8.37
CA THR A 228 -8.21 0.40 9.48
C THR A 228 -8.53 -1.04 9.07
N TRP A 229 -9.73 -1.27 8.49
CA TRP A 229 -10.10 -2.61 8.04
C TRP A 229 -9.07 -3.11 7.02
N SER A 230 -8.81 -2.33 5.95
CA SER A 230 -7.86 -2.68 4.91
C SER A 230 -6.49 -3.00 5.47
N PHE A 231 -6.03 -2.20 6.47
CA PHE A 231 -4.74 -2.43 7.15
C PHE A 231 -4.67 -3.84 7.79
N GLY A 232 -5.77 -4.31 8.38
CA GLY A 232 -5.86 -5.65 8.96
C GLY A 232 -5.65 -6.72 7.92
N VAL A 233 -6.24 -6.52 6.72
CA VAL A 233 -6.07 -7.43 5.58
C VAL A 233 -4.59 -7.38 5.10
N LEU A 234 -4.01 -6.16 5.00
CA LEU A 234 -2.58 -6.03 4.65
C LEU A 234 -1.69 -6.78 5.69
N LEU A 235 -2.05 -6.72 6.99
CA LEU A 235 -1.32 -7.41 8.06
C LEU A 235 -1.34 -8.91 7.80
N TRP A 236 -2.49 -9.44 7.35
CA TRP A 236 -2.63 -10.85 7.00
C TRP A 236 -1.72 -11.17 5.82
N GLU A 237 -1.72 -10.31 4.78
CA GLU A 237 -0.84 -10.49 3.61
C GLU A 237 0.63 -10.57 4.01
N ILE A 238 1.05 -9.66 4.90
CA ILE A 238 2.44 -9.59 5.40
C ILE A 238 2.79 -10.90 6.15
N PHE A 239 1.99 -11.28 7.18
CA PHE A 239 2.31 -12.42 8.05
C PHE A 239 2.06 -13.77 7.37
N SER A 240 1.26 -13.78 6.27
CA SER A 240 1.07 -14.97 5.42
C SER A 240 2.22 -15.07 4.41
N LEU A 241 3.03 -14.05 4.34
CA LEU A 241 4.15 -13.92 3.43
C LEU A 241 3.74 -13.80 1.94
N GLY A 242 2.73 -12.96 1.70
CA GLY A 242 2.28 -12.69 0.34
C GLY A 242 1.17 -13.51 -0.31
N TYR A 243 0.37 -14.23 0.49
CA TYR A 243 -0.75 -14.99 -0.05
C TYR A 243 -1.89 -14.04 -0.36
N MET A 244 -2.77 -14.49 -1.23
CA MET A 244 -3.97 -13.80 -1.61
C MET A 244 -4.97 -13.96 -0.45
N PRO A 245 -5.56 -12.85 0.07
CA PRO A 245 -6.55 -13.00 1.16
C PRO A 245 -7.76 -13.88 0.81
N TYR A 246 -8.38 -14.48 1.84
CA TYR A 246 -9.52 -15.40 1.74
C TYR A 246 -9.22 -16.53 0.77
N PRO A 247 -8.20 -17.36 1.07
CA PRO A 247 -7.80 -18.42 0.12
C PRO A 247 -8.97 -19.24 -0.44
N SER A 248 -9.04 -19.40 -1.79
CA SER A 248 -10.04 -20.17 -2.54
C SER A 248 -11.43 -19.52 -2.66
N LYS A 249 -11.60 -18.33 -2.06
CA LYS A 249 -12.88 -17.62 -2.12
C LYS A 249 -12.88 -16.56 -3.21
N SER A 250 -13.99 -16.50 -3.95
CA SER A 250 -14.24 -15.51 -4.99
C SER A 250 -14.73 -14.22 -4.30
N ASN A 251 -14.87 -13.12 -5.07
CA ASN A 251 -15.33 -11.83 -4.55
C ASN A 251 -16.72 -11.90 -3.89
N GLN A 252 -17.67 -12.60 -4.53
CA GLN A 252 -19.04 -12.73 -4.00
C GLN A 252 -19.04 -13.59 -2.74
N GLU A 253 -18.21 -14.63 -2.70
CA GLU A 253 -18.09 -15.49 -1.52
C GLU A 253 -17.48 -14.70 -0.37
N VAL A 254 -16.48 -13.84 -0.65
CA VAL A 254 -15.87 -12.97 0.37
C VAL A 254 -16.95 -12.02 0.91
N LEU A 255 -17.68 -11.35 0.00
CA LEU A 255 -18.76 -10.42 0.32
C LEU A 255 -19.73 -11.05 1.33
N GLU A 256 -20.25 -12.25 1.01
CA GLU A 256 -21.20 -13.01 1.83
C GLU A 256 -20.57 -13.49 3.14
N PHE A 257 -19.31 -13.99 3.08
CA PHE A 257 -18.55 -14.46 4.25
C PHE A 257 -18.37 -13.35 5.28
N VAL A 258 -17.84 -12.19 4.84
CA VAL A 258 -17.56 -11.02 5.68
C VAL A 258 -18.84 -10.42 6.26
N THR A 259 -19.91 -10.31 5.43
CA THR A 259 -21.23 -9.79 5.83
C THR A 259 -21.83 -10.62 6.97
N SER A 260 -21.65 -11.95 6.91
CA SER A 260 -22.10 -12.94 7.91
C SER A 260 -21.23 -13.05 9.18
N GLY A 261 -20.21 -12.21 9.30
CA GLY A 261 -19.30 -12.22 10.45
C GLY A 261 -18.10 -13.13 10.29
N GLY A 262 -17.88 -13.66 9.09
CA GLY A 262 -16.72 -14.49 8.80
C GLY A 262 -15.42 -13.68 8.76
N ARG A 263 -14.35 -14.23 9.32
CA ARG A 263 -13.02 -13.59 9.32
C ARG A 263 -11.95 -14.60 8.94
N MET A 264 -10.84 -14.11 8.40
CA MET A 264 -9.71 -14.98 8.04
C MET A 264 -9.11 -15.60 9.29
N ASP A 265 -8.56 -16.81 9.11
CA ASP A 265 -7.84 -17.55 10.12
C ASP A 265 -6.44 -16.93 10.26
N PRO A 266 -5.70 -17.23 11.33
CA PRO A 266 -4.34 -16.67 11.40
C PRO A 266 -3.47 -17.23 10.26
N PRO A 267 -2.58 -16.43 9.66
CA PRO A 267 -1.64 -17.03 8.69
C PRO A 267 -0.78 -18.06 9.43
N LYS A 268 -0.11 -18.95 8.69
CA LYS A 268 0.75 -19.99 9.29
C LYS A 268 1.82 -19.41 10.22
N ASN A 269 1.88 -19.92 11.47
CA ASN A 269 2.80 -19.54 12.55
C ASN A 269 2.57 -18.12 13.10
N CYS A 270 1.45 -17.47 12.73
CA CYS A 270 1.19 -16.12 13.22
C CYS A 270 1.00 -16.06 14.72
N PRO A 271 1.83 -15.26 15.44
CA PRO A 271 1.65 -15.13 16.90
C PRO A 271 0.28 -14.53 17.22
N GLY A 272 -0.34 -14.99 18.31
CA GLY A 272 -1.65 -14.53 18.79
C GLY A 272 -1.77 -13.03 18.92
N PRO A 273 -0.75 -12.31 19.47
CA PRO A 273 -0.85 -10.84 19.58
C PRO A 273 -0.92 -10.10 18.22
N VAL A 274 -0.32 -10.69 17.16
CA VAL A 274 -0.36 -10.11 15.81
C VAL A 274 -1.76 -10.37 15.22
N TYR A 275 -2.26 -11.61 15.34
CA TYR A 275 -3.59 -11.97 14.87
C TYR A 275 -4.66 -11.12 15.57
N ARG A 276 -4.45 -10.78 16.85
CA ARG A 276 -5.39 -9.96 17.64
C ARG A 276 -5.52 -8.54 17.06
N ILE A 277 -4.44 -8.03 16.43
CA ILE A 277 -4.48 -6.72 15.78
C ILE A 277 -5.41 -6.83 14.58
N MET A 278 -5.24 -7.91 13.80
CA MET A 278 -6.07 -8.19 12.62
C MET A 278 -7.57 -8.26 12.96
N THR A 279 -7.93 -9.03 14.01
CA THR A 279 -9.34 -9.21 14.39
C THR A 279 -9.95 -7.91 14.95
N GLN A 280 -9.14 -7.04 15.59
CA GLN A 280 -9.62 -5.72 16.07
C GLN A 280 -9.84 -4.79 14.88
N CYS A 281 -8.98 -4.88 13.83
CA CYS A 281 -9.14 -4.11 12.60
C CYS A 281 -10.41 -4.57 11.86
N TRP A 282 -10.79 -5.85 12.03
CA TRP A 282 -11.96 -6.41 11.34
C TRP A 282 -13.26 -6.39 12.15
N GLN A 283 -13.42 -5.41 13.06
CA GLN A 283 -14.67 -5.31 13.82
C GLN A 283 -15.77 -4.80 12.90
N HIS A 284 -16.97 -5.40 12.99
CA HIS A 284 -18.12 -5.00 12.14
C HIS A 284 -18.42 -3.50 12.25
N GLN A 285 -18.50 -2.98 13.48
CA GLN A 285 -18.78 -1.57 13.70
C GLN A 285 -17.51 -0.75 13.51
N PRO A 286 -17.51 0.23 12.59
CA PRO A 286 -16.29 1.05 12.38
C PRO A 286 -15.76 1.73 13.65
N GLU A 287 -16.67 2.15 14.56
CA GLU A 287 -16.37 2.77 15.86
C GLU A 287 -15.60 1.84 16.82
N ASP A 288 -15.75 0.51 16.66
CA ASP A 288 -15.07 -0.49 17.48
C ASP A 288 -13.68 -0.85 16.94
N ARG A 289 -13.34 -0.34 15.74
CA ARG A 289 -12.04 -0.61 15.12
C ARG A 289 -11.03 0.44 15.61
N PRO A 290 -9.75 0.05 15.86
CA PRO A 290 -8.78 1.03 16.39
C PRO A 290 -8.36 2.08 15.37
N ASN A 291 -7.94 3.26 15.86
CA ASN A 291 -7.39 4.31 15.00
C ASN A 291 -5.90 3.91 14.77
N PHE A 292 -5.16 4.61 13.92
CA PHE A 292 -3.79 4.17 13.65
C PHE A 292 -2.79 4.43 14.80
N ALA A 293 -3.11 5.33 15.76
CA ALA A 293 -2.25 5.55 16.92
C ALA A 293 -2.30 4.28 17.80
N ILE A 294 -3.48 3.67 17.90
CA ILE A 294 -3.66 2.45 18.68
C ILE A 294 -3.00 1.27 17.98
N ILE A 295 -3.17 1.18 16.65
CA ILE A 295 -2.55 0.13 15.83
C ILE A 295 -1.02 0.16 16.03
N LEU A 296 -0.41 1.38 15.93
CA LEU A 296 1.03 1.57 16.12
C LEU A 296 1.51 1.15 17.52
N GLU A 297 0.72 1.46 18.56
CA GLU A 297 1.03 1.08 19.95
C GLU A 297 1.06 -0.45 20.05
N ARG A 298 0.06 -1.12 19.44
CA ARG A 298 -0.06 -2.59 19.45
C ARG A 298 1.05 -3.27 18.65
N ILE A 299 1.43 -2.68 17.50
CA ILE A 299 2.54 -3.21 16.68
C ILE A 299 3.83 -3.10 17.50
N GLU A 300 4.04 -1.95 18.15
CA GLU A 300 5.20 -1.68 19.00
C GLU A 300 5.31 -2.70 20.11
N TYR A 301 4.18 -3.01 20.78
CA TYR A 301 4.16 -4.02 21.85
C TYR A 301 4.55 -5.43 21.36
N CYS A 302 4.12 -5.82 20.12
CA CYS A 302 4.43 -7.11 19.47
C CYS A 302 5.95 -7.21 19.20
N THR A 303 6.59 -6.07 18.82
CA THR A 303 8.03 -6.01 18.52
C THR A 303 8.87 -6.16 19.79
N GLN A 304 8.34 -5.72 20.92
CA GLN A 304 9.00 -5.79 22.22
C GLN A 304 8.82 -7.16 22.85
N ASP A 305 7.75 -7.87 22.47
CA ASP A 305 7.37 -9.17 23.03
C ASP A 305 8.23 -10.31 22.48
N PRO A 306 9.09 -10.94 23.33
CA PRO A 306 9.94 -12.04 22.86
C PRO A 306 9.17 -13.24 22.35
N ASP A 307 8.01 -13.56 22.94
CA ASP A 307 7.15 -14.65 22.47
C ASP A 307 6.66 -14.45 21.01
N VAL A 308 6.60 -13.19 20.54
CA VAL A 308 6.22 -12.87 19.16
C VAL A 308 7.44 -12.99 18.21
N ILE A 309 8.49 -12.21 18.48
CA ILE A 309 9.67 -12.07 17.63
C ILE A 309 10.59 -13.31 17.64
N ASN A 310 10.46 -14.19 18.63
CA ASN A 310 11.24 -15.43 18.65
C ASN A 310 10.53 -16.55 17.87
N THR A 311 9.30 -16.29 17.36
CA THR A 311 8.54 -17.29 16.61
C THR A 311 9.12 -17.40 15.23
N ALA A 312 9.50 -18.61 14.83
CA ALA A 312 10.07 -18.87 13.51
C ALA A 312 8.98 -18.80 12.47
N LEU A 313 9.29 -18.20 11.31
CA LEU A 313 8.37 -18.14 10.18
C LEU A 313 8.39 -19.52 9.50
N PRO A 314 7.31 -19.95 8.81
CA PRO A 314 7.37 -21.25 8.12
C PRO A 314 8.38 -21.26 6.97
N ILE A 315 9.00 -22.43 6.75
CA ILE A 315 9.97 -22.65 5.69
C ILE A 315 9.25 -23.40 4.58
N GLU A 316 9.12 -22.75 3.44
CA GLU A 316 8.41 -23.27 2.28
C GLU A 316 9.28 -24.32 1.61
N TYR A 317 8.71 -25.50 1.29
CA TYR A 317 9.38 -26.58 0.56
C TYR A 317 8.87 -26.58 -0.91
N GLY A 318 9.49 -27.23 -1.77
C J99 B . 4.67 3.15 -9.92
F J99 B . 3.02 1.24 -5.23
N J99 B . 9.81 2.01 -7.11
O J99 B . 6.59 2.73 -8.62
C1 J99 B . 5.55 2.06 -9.32
N1 J99 B . 8.51 3.92 -7.09
O1 J99 B . 4.54 -0.55 -11.01
C2 J99 B . 7.77 2.06 -8.38
N2 J99 B . 10.30 -3.36 -9.16
C3 J99 B . 8.03 0.78 -8.84
N3 J99 B . 8.96 -3.52 -9.03
C4 J99 B . 9.15 0.08 -8.39
N4 J99 B . 6.09 -1.81 -9.95
C5 J99 B . 10.01 0.74 -7.52
C6 J99 B . 8.69 2.66 -7.53
C7 J99 B . 9.32 -1.37 -8.74
C8 J99 B . 10.54 -2.09 -8.99
C9 J99 B . 8.40 -4.86 -9.08
C10 J99 B . 8.33 -2.33 -8.81
C11 J99 B . 6.80 -2.22 -8.74
C12 J99 B . 6.42 -2.50 -11.18
C13 J99 B . 5.12 -0.87 -9.98
C14 J99 B . 4.64 -0.24 -8.69
C15 J99 B . 3.96 -1.08 -7.81
C16 J99 B . 3.42 -0.57 -6.64
C17 J99 B . 3.54 0.75 -6.38
C18 J99 B . 4.20 1.62 -7.23
C19 J99 B . 4.77 1.12 -8.41
C20 J99 B . 11.95 -1.57 -9.06
C21 J99 B . 13.08 -2.50 -9.39
C22 J99 B . 12.96 -1.98 -8.02
#